data_7E11
#
_entry.id   7E11
#
_cell.length_a   50.910
_cell.length_b   104.883
_cell.length_c   168.096
_cell.angle_alpha   90.000
_cell.angle_beta   90.000
_cell.angle_gamma   90.000
#
_symmetry.space_group_name_H-M   'C 2 2 21'
#
loop_
_entity.id
_entity.type
_entity.pdbx_description
1 polymer 'cAMP-dependent protein kinase catalytic subunit alpha'
2 polymer PLN
3 non-polymer 'PHOSPHOAMINOPHOSPHONIC ACID-ADENYLATE ESTER'
4 non-polymer 'MAGNESIUM ION'
#
loop_
_entity_poly.entity_id
_entity_poly.type
_entity_poly.pdbx_seq_one_letter_code
_entity_poly.pdbx_strand_id
1 'polypeptide(L)'
;ESVKEFLAKAKEDFLKKWETPSQNTAQLDQFDRIKTLGTGSFGRVMLVKHKESGNHYAMKILDKQKVVKLKQIEHTLNEK
RILQAVNFPFLVKLEFSFKDNSNLYMVMEYVAGGEMFSHLRRIGRFSEPHARFYAAQIVLTFEYLHSLDLIYRDLKPENL
LIDQQGYIQVTDFGFAKRVKGRTW(TPO)LCGTPEYLAPEIILSKGYNKAVDWWALGVLIYEMAAGYPPFFADQPIQIYE
KIVSGKVRFPSHFSSDLKDLLRNLLQVDLTKRFGNLKNGVNDIKNHKWFATTDWIAIYQRKVEAPFIPKFKGPGDTSNFD
DYEEEEIRV(SEP)INEKCGKEFTEF
;
A
2 'polypeptide(L)' TCSAIRRASTIE B
#
# COMPACT_ATOMS: atom_id res chain seq x y z
N GLU A 1 9.08 -26.23 -10.89
CA GLU A 1 8.41 -24.93 -10.94
C GLU A 1 9.43 -23.80 -10.81
N SER A 2 9.32 -22.79 -11.67
CA SER A 2 10.26 -21.68 -11.67
C SER A 2 10.01 -20.74 -10.50
N VAL A 3 8.75 -20.36 -10.28
CA VAL A 3 8.44 -19.41 -9.21
C VAL A 3 8.59 -20.06 -7.84
N LYS A 4 8.45 -21.38 -7.76
CA LYS A 4 8.60 -22.06 -6.48
C LYS A 4 10.01 -21.91 -5.94
N GLU A 5 11.02 -22.00 -6.82
CA GLU A 5 12.39 -21.76 -6.39
C GLU A 5 12.62 -20.29 -6.10
N PHE A 6 11.84 -19.40 -6.72
CA PHE A 6 11.95 -17.97 -6.44
C PHE A 6 11.39 -17.64 -5.06
N LEU A 7 10.20 -18.16 -4.76
CA LEU A 7 9.61 -17.92 -3.44
C LEU A 7 10.33 -18.67 -2.33
N ALA A 8 11.00 -19.76 -2.66
CA ALA A 8 11.82 -20.46 -1.66
C ALA A 8 13.12 -19.71 -1.41
N LYS A 9 13.71 -19.12 -2.45
CA LYS A 9 14.90 -18.32 -2.27
C LYS A 9 14.58 -16.97 -1.63
N ALA A 10 13.37 -16.46 -1.87
CA ALA A 10 12.98 -15.19 -1.26
C ALA A 10 12.64 -15.36 0.22
N LYS A 11 12.11 -16.52 0.61
CA LYS A 11 11.80 -16.76 2.00
C LYS A 11 13.06 -16.98 2.84
N GLU A 12 14.19 -17.30 2.19
CA GLU A 12 15.44 -17.44 2.92
C GLU A 12 16.09 -16.08 3.18
N ASP A 13 15.97 -15.16 2.23
CA ASP A 13 16.54 -13.83 2.40
C ASP A 13 15.72 -12.99 3.38
N PHE A 14 14.41 -13.20 3.41
CA PHE A 14 13.55 -12.41 4.30
C PHE A 14 13.75 -12.82 5.76
N LEU A 15 13.79 -14.12 6.03
CA LEU A 15 13.94 -14.58 7.41
C LEU A 15 15.35 -14.30 7.94
N LYS A 16 16.34 -14.20 7.05
CA LYS A 16 17.69 -13.85 7.50
C LYS A 16 17.74 -12.41 7.99
N LYS A 17 17.04 -11.50 7.30
CA LYS A 17 16.97 -10.11 7.73
C LYS A 17 15.95 -9.89 8.84
N TRP A 18 15.02 -10.82 9.03
CA TRP A 18 13.98 -10.65 10.04
C TRP A 18 14.56 -10.75 11.46
N GLU A 19 15.65 -11.49 11.64
CA GLU A 19 16.27 -11.65 12.95
C GLU A 19 17.64 -10.97 13.02
N THR A 20 17.93 -10.06 12.10
CA THR A 20 19.20 -9.34 12.10
C THR A 20 19.27 -8.34 13.25
N PRO A 21 18.17 -7.65 13.62
CA PRO A 21 18.20 -6.88 14.87
C PRO A 21 18.67 -7.69 16.08
N GLN A 23 18.05 -0.15 13.88
CA GLN A 23 17.86 0.78 14.99
C GLN A 23 18.86 1.93 14.95
N ASN A 24 18.33 3.16 14.98
CA ASN A 24 19.13 4.38 15.06
C ASN A 24 20.25 4.40 14.02
N THR A 25 19.84 4.42 12.74
CA THR A 25 20.81 4.46 11.66
C THR A 25 21.51 5.82 11.60
N ALA A 26 20.73 6.90 11.54
CA ALA A 26 21.30 8.24 11.50
C ALA A 26 20.62 9.14 12.52
N GLN A 27 20.44 10.42 12.17
CA GLN A 27 19.81 11.37 13.07
C GLN A 27 19.19 12.49 12.23
N LEU A 28 18.31 13.26 12.89
CA LEU A 28 17.59 14.33 12.21
C LEU A 28 18.50 15.46 11.76
N ASP A 29 19.66 15.63 12.40
CA ASP A 29 20.56 16.73 12.09
C ASP A 29 21.17 16.65 10.70
N GLN A 30 21.01 15.53 10.00
CA GLN A 30 21.66 15.31 8.72
C GLN A 30 20.70 15.46 7.54
N PHE A 31 19.54 16.08 7.73
CA PHE A 31 18.54 16.20 6.69
C PHE A 31 18.05 17.64 6.59
N ASP A 32 17.67 18.03 5.38
CA ASP A 32 17.12 19.36 5.09
C ASP A 32 15.67 19.18 4.68
N ARG A 33 14.75 19.58 5.56
CA ARG A 33 13.33 19.48 5.25
C ARG A 33 12.93 20.53 4.23
N ILE A 34 12.08 20.14 3.29
CA ILE A 34 11.67 21.03 2.20
C ILE A 34 10.17 21.24 2.24
N LYS A 35 9.42 20.27 1.72
CA LYS A 35 7.96 20.39 1.60
C LYS A 35 7.30 19.11 2.08
N THR A 36 6.07 19.26 2.58
CA THR A 36 5.29 18.12 3.05
C THR A 36 4.59 17.45 1.88
N LEU A 37 4.71 16.12 1.80
CA LEU A 37 4.10 15.36 0.72
C LEU A 37 2.74 14.79 1.11
N GLY A 38 2.54 14.48 2.39
CA GLY A 38 1.28 13.92 2.85
C GLY A 38 1.17 14.04 4.35
N THR A 39 -0.04 13.83 4.84
CA THR A 39 -0.34 13.90 6.26
C THR A 39 -1.19 12.72 6.67
N GLY A 40 -1.17 12.42 7.97
CA GLY A 40 -1.95 11.33 8.53
C GLY A 40 -2.46 11.63 9.92
N SER A 41 -2.98 10.61 10.61
CA SER A 41 -3.50 10.82 11.95
C SER A 41 -2.40 10.89 13.00
N PHE A 42 -1.26 10.23 12.74
CA PHE A 42 -0.17 10.18 13.70
C PHE A 42 1.05 10.96 13.26
N GLY A 43 1.05 11.53 12.06
CA GLY A 43 2.19 12.28 11.60
C GLY A 43 2.03 12.65 10.15
N ARG A 44 3.13 13.17 9.59
CA ARG A 44 3.16 13.62 8.20
C ARG A 44 4.34 12.98 7.49
N VAL A 45 4.37 13.15 6.17
CA VAL A 45 5.45 12.65 5.31
C VAL A 45 5.98 13.83 4.51
N MET A 46 7.26 14.14 4.68
CA MET A 46 7.88 15.30 4.06
C MET A 46 8.98 14.85 3.09
N LEU A 47 9.40 15.78 2.25
CA LEU A 47 10.53 15.58 1.34
C LEU A 47 11.77 16.18 1.97
N VAL A 48 12.75 15.35 2.28
CA VAL A 48 13.99 15.79 2.89
C VAL A 48 15.15 15.53 1.95
N LYS A 49 16.17 16.37 2.05
CA LYS A 49 17.40 16.22 1.28
C LYS A 49 18.55 16.01 2.25
N HIS A 50 19.34 14.96 2.01
CA HIS A 50 20.52 14.69 2.81
C HIS A 50 21.55 15.80 2.57
N LYS A 51 21.88 16.54 3.62
CA LYS A 51 22.74 17.71 3.46
C LYS A 51 24.14 17.32 3.00
N GLU A 52 24.61 16.12 3.32
CA GLU A 52 25.96 15.70 2.99
C GLU A 52 26.01 14.90 1.70
N SER A 53 25.14 13.90 1.56
CA SER A 53 25.16 13.06 0.36
C SER A 53 24.44 13.73 -0.81
N GLY A 54 23.50 14.63 -0.53
CA GLY A 54 22.80 15.36 -1.56
C GLY A 54 21.59 14.66 -2.16
N ASN A 55 21.32 13.42 -1.76
CA ASN A 55 20.18 12.70 -2.29
C ASN A 55 18.89 13.13 -1.60
N HIS A 56 17.81 13.14 -2.37
CA HIS A 56 16.49 13.47 -1.84
C HIS A 56 15.79 12.22 -1.34
N TYR A 57 15.02 12.36 -0.26
CA TYR A 57 14.38 11.23 0.39
C TYR A 57 12.98 11.64 0.83
N ALA A 58 12.22 10.66 1.31
CA ALA A 58 10.87 10.86 1.81
C ALA A 58 10.83 10.44 3.28
N MET A 59 10.95 11.41 4.16
CA MET A 59 10.97 11.15 5.60
C MET A 59 9.56 11.06 6.15
N LYS A 60 9.27 9.96 6.86
CA LYS A 60 7.97 9.75 7.49
C LYS A 60 8.13 9.97 8.99
N ILE A 61 7.36 10.90 9.53
CA ILE A 61 7.44 11.29 10.93
C ILE A 61 6.21 10.74 11.65
N LEU A 62 6.43 10.11 12.81
CA LEU A 62 5.36 9.57 13.63
C LEU A 62 5.55 10.06 15.06
N ASP A 63 4.52 10.70 15.61
CA ASP A 63 4.58 11.18 16.98
C ASP A 63 4.50 10.01 17.96
N LYS A 64 5.49 9.92 18.85
CA LYS A 64 5.56 8.80 19.78
C LYS A 64 4.48 8.87 20.86
N GLN A 65 3.91 10.05 21.09
CA GLN A 65 2.92 10.20 22.15
C GLN A 65 1.52 9.81 21.68
N LYS A 66 1.15 10.17 20.45
CA LYS A 66 -0.19 9.84 19.96
C LYS A 66 -0.29 8.36 19.61
N VAL A 67 0.82 7.73 19.21
CA VAL A 67 0.79 6.30 18.93
C VAL A 67 0.52 5.51 20.20
N VAL A 68 1.17 5.89 21.31
CA VAL A 68 0.93 5.22 22.58
C VAL A 68 -0.49 5.52 23.07
N LYS A 69 -0.98 6.73 22.83
CA LYS A 69 -2.31 7.12 23.29
C LYS A 69 -3.42 6.36 22.58
N LEU A 70 -3.13 5.75 21.42
CA LEU A 70 -4.13 5.02 20.66
C LEU A 70 -3.80 3.54 20.53
N LYS A 71 -2.81 3.04 21.28
CA LYS A 71 -2.43 1.62 21.29
C LYS A 71 -2.09 1.14 19.87
N GLN A 72 -1.06 1.77 19.30
CA GLN A 72 -0.60 1.43 17.96
C GLN A 72 0.88 1.05 17.95
N ILE A 73 1.37 0.56 19.09
CA ILE A 73 2.78 0.18 19.18
C ILE A 73 3.04 -1.10 18.42
N GLU A 74 2.09 -2.05 18.48
CA GLU A 74 2.25 -3.30 17.74
C GLU A 74 2.29 -3.05 16.23
N HIS A 75 1.44 -2.15 15.74
CA HIS A 75 1.43 -1.84 14.31
C HIS A 75 2.63 -0.99 13.91
N THR A 76 3.18 -0.23 14.85
CA THR A 76 4.33 0.61 14.55
C THR A 76 5.59 -0.24 14.38
N LEU A 77 5.80 -1.22 15.26
CA LEU A 77 6.97 -2.08 15.15
C LEU A 77 6.89 -2.99 13.93
N ASN A 78 5.67 -3.34 13.49
CA ASN A 78 5.53 -4.21 12.33
C ASN A 78 5.81 -3.47 11.03
N GLU A 79 5.55 -2.16 10.99
CA GLU A 79 5.82 -1.41 9.77
C GLU A 79 7.32 -1.30 9.50
N LYS A 80 8.12 -1.10 10.55
CA LYS A 80 9.55 -0.96 10.37
C LYS A 80 10.23 -2.31 10.20
N ARG A 81 9.79 -3.32 10.95
CA ARG A 81 10.44 -4.63 10.90
C ARG A 81 10.19 -5.34 9.57
N ILE A 82 9.10 -5.02 8.88
CA ILE A 82 8.79 -5.68 7.62
C ILE A 82 9.35 -4.91 6.43
N LEU A 83 9.42 -3.58 6.51
CA LEU A 83 9.87 -2.78 5.38
C LEU A 83 11.32 -3.09 5.03
N GLN A 84 12.22 -3.04 6.02
CA GLN A 84 13.63 -3.24 5.75
C GLN A 84 13.98 -4.69 5.43
N ALA A 85 13.07 -5.63 5.68
CA ALA A 85 13.35 -7.04 5.42
C ALA A 85 12.93 -7.47 4.02
N VAL A 86 11.80 -6.95 3.54
CA VAL A 86 11.31 -7.36 2.22
C VAL A 86 12.19 -6.75 1.13
N ASN A 87 12.10 -7.34 -0.06
CA ASN A 87 12.88 -6.88 -1.21
C ASN A 87 12.09 -7.23 -2.47
N PHE A 88 11.52 -6.21 -3.12
CA PHE A 88 10.72 -6.42 -4.31
C PHE A 88 10.72 -5.14 -5.14
N PRO A 89 10.73 -5.23 -6.46
CA PRO A 89 10.79 -4.00 -7.28
C PRO A 89 9.54 -3.14 -7.17
N PHE A 90 8.41 -3.71 -6.78
CA PHE A 90 7.17 -2.96 -6.65
C PHE A 90 6.95 -2.40 -5.25
N LEU A 91 7.78 -2.79 -4.28
CA LEU A 91 7.70 -2.27 -2.93
C LEU A 91 8.66 -1.11 -2.75
N VAL A 92 8.26 -0.13 -1.94
CA VAL A 92 9.10 1.03 -1.70
C VAL A 92 10.32 0.61 -0.89
N LYS A 93 11.43 1.33 -1.08
CA LYS A 93 12.67 1.05 -0.40
C LYS A 93 12.81 1.92 0.85
N LEU A 94 13.54 1.40 1.82
CA LEU A 94 13.82 2.09 3.07
C LEU A 94 15.31 2.34 3.19
N GLU A 95 15.67 3.53 3.70
CA GLU A 95 17.07 3.92 3.84
C GLU A 95 17.48 4.01 5.29
N PHE A 96 17.05 5.05 6.02
CA PHE A 96 17.45 5.29 7.39
C PHE A 96 16.24 5.23 8.30
N SER A 97 16.42 4.68 9.50
CA SER A 97 15.37 4.60 10.51
C SER A 97 15.98 4.94 11.85
N PHE A 98 15.52 6.03 12.47
CA PHE A 98 16.05 6.49 13.75
C PHE A 98 14.89 7.07 14.56
N LYS A 99 15.24 7.71 15.67
CA LYS A 99 14.24 8.28 16.57
C LYS A 99 14.93 9.26 17.51
N ASP A 100 14.14 10.21 18.02
CA ASP A 100 14.65 11.15 19.01
C ASP A 100 13.77 11.15 20.25
N ASN A 101 13.55 12.33 20.84
CA ASN A 101 12.83 12.40 22.11
C ASN A 101 11.32 12.38 21.93
N SER A 102 10.81 12.82 20.78
CA SER A 102 9.37 12.99 20.61
C SER A 102 8.78 12.24 19.42
N ASN A 103 9.56 11.96 18.38
CA ASN A 103 9.01 11.42 17.14
C ASN A 103 9.85 10.24 16.65
N LEU A 104 9.17 9.30 16.00
CA LEU A 104 9.83 8.24 15.26
C LEU A 104 9.98 8.66 13.80
N TYR A 105 11.12 8.30 13.20
CA TYR A 105 11.44 8.74 11.86
C TYR A 105 11.78 7.56 10.98
N MET A 106 11.33 7.62 9.72
CA MET A 106 11.65 6.63 8.71
C MET A 106 11.96 7.35 7.41
N VAL A 107 13.04 6.93 6.75
CA VAL A 107 13.51 7.56 5.52
C VAL A 107 13.39 6.56 4.39
N MET A 108 12.46 6.80 3.47
CA MET A 108 12.19 5.90 2.37
C MET A 108 12.73 6.46 1.06
N GLU A 109 12.67 5.64 0.02
CA GLU A 109 13.03 6.08 -1.32
C GLU A 109 11.97 7.04 -1.85
N TYR A 110 12.41 8.21 -2.30
CA TYR A 110 11.48 9.21 -2.81
C TYR A 110 10.94 8.80 -4.17
N VAL A 111 9.62 8.87 -4.32
CA VAL A 111 8.95 8.50 -5.57
C VAL A 111 8.23 9.76 -6.05
N ALA A 112 8.89 10.52 -6.92
CA ALA A 112 8.40 11.85 -7.31
C ALA A 112 7.20 11.81 -8.23
N GLY A 113 6.80 10.63 -8.71
CA GLY A 113 5.68 10.56 -9.63
C GLY A 113 4.31 10.81 -9.01
N GLY A 114 4.22 10.82 -7.68
CA GLY A 114 2.97 11.09 -7.01
C GLY A 114 2.13 9.85 -6.79
N GLU A 115 1.00 10.07 -6.13
CA GLU A 115 0.07 8.98 -5.84
C GLU A 115 -0.72 8.60 -7.10
N MET A 116 -1.25 7.37 -7.07
CA MET A 116 -2.22 6.99 -8.08
C MET A 116 -3.56 7.69 -7.88
N PHE A 117 -3.85 8.10 -6.64
CA PHE A 117 -5.10 8.80 -6.36
C PHE A 117 -5.16 10.14 -7.09
N SER A 118 -4.08 10.91 -7.03
CA SER A 118 -4.07 12.21 -7.69
C SER A 118 -4.09 12.09 -9.21
N HIS A 119 -3.54 10.98 -9.74
CA HIS A 119 -3.57 10.78 -11.19
C HIS A 119 -4.87 10.17 -11.67
N LEU A 120 -5.51 9.32 -10.85
CA LEU A 120 -6.77 8.72 -11.25
C LEU A 120 -7.92 9.72 -11.14
N ARG A 121 -7.90 10.58 -10.12
CA ARG A 121 -8.96 11.56 -9.94
C ARG A 121 -8.95 12.62 -11.03
N ARG A 122 -7.80 12.86 -11.67
CA ARG A 122 -7.73 13.88 -12.71
C ARG A 122 -8.22 13.35 -14.05
N ILE A 123 -7.77 12.14 -14.41
CA ILE A 123 -8.20 11.55 -15.69
C ILE A 123 -9.66 11.13 -15.62
N GLY A 124 -10.09 10.60 -14.48
CA GLY A 124 -11.44 10.11 -14.33
C GLY A 124 -11.49 8.60 -14.17
N ARG A 125 -10.95 7.88 -15.15
CA ARG A 125 -10.85 6.44 -15.07
C ARG A 125 -9.77 5.98 -16.05
N PHE A 126 -9.19 4.82 -15.76
CA PHE A 126 -8.17 4.23 -16.60
C PHE A 126 -8.79 3.17 -17.50
N SER A 127 -8.26 3.06 -18.72
CA SER A 127 -8.72 2.04 -19.65
C SER A 127 -8.35 0.65 -19.13
N GLU A 128 -9.03 -0.36 -19.66
CA GLU A 128 -8.80 -1.72 -19.19
C GLU A 128 -7.38 -2.22 -19.45
N PRO A 129 -6.76 -2.00 -20.62
CA PRO A 129 -5.33 -2.32 -20.74
C PRO A 129 -4.47 -1.51 -19.78
N HIS A 130 -4.81 -0.24 -19.58
CA HIS A 130 -4.10 0.58 -18.60
C HIS A 130 -4.34 0.08 -17.18
N ALA A 131 -5.58 -0.35 -16.89
CA ALA A 131 -5.88 -0.90 -15.58
C ALA A 131 -5.26 -2.28 -15.39
N ARG A 132 -5.19 -3.08 -16.46
CA ARG A 132 -4.56 -4.39 -16.37
C ARG A 132 -3.07 -4.27 -16.07
N PHE A 133 -2.43 -3.20 -16.55
CA PHE A 133 -1.01 -3.01 -16.29
C PHE A 133 -0.74 -2.81 -14.80
N TYR A 134 -1.52 -1.94 -14.15
CA TYR A 134 -1.34 -1.72 -12.72
C TYR A 134 -1.86 -2.89 -11.89
N ALA A 135 -2.93 -3.55 -12.35
CA ALA A 135 -3.46 -4.68 -11.61
C ALA A 135 -2.53 -5.88 -11.65
N ALA A 136 -1.70 -5.98 -12.69
CA ALA A 136 -0.77 -7.11 -12.78
C ALA A 136 0.37 -6.98 -11.78
N GLN A 137 0.76 -5.74 -11.45
CA GLN A 137 1.84 -5.56 -10.47
C GLN A 137 1.38 -5.90 -9.06
N ILE A 138 0.11 -5.66 -8.74
CA ILE A 138 -0.41 -6.01 -7.43
C ILE A 138 -0.48 -7.52 -7.27
N VAL A 139 -0.69 -8.25 -8.37
CA VAL A 139 -0.74 -9.70 -8.30
C VAL A 139 0.62 -10.28 -7.93
N LEU A 140 1.68 -9.83 -8.62
CA LEU A 140 3.01 -10.31 -8.31
C LEU A 140 3.46 -9.86 -6.92
N THR A 141 3.01 -8.70 -6.47
CA THR A 141 3.37 -8.22 -5.14
C THR A 141 2.69 -9.03 -4.06
N PHE A 142 1.36 -9.22 -4.18
CA PHE A 142 0.65 -10.04 -3.21
C PHE A 142 1.10 -11.49 -3.24
N GLU A 143 1.49 -11.99 -4.41
CA GLU A 143 2.03 -13.34 -4.49
C GLU A 143 3.34 -13.46 -3.71
N TYR A 144 4.17 -12.42 -3.76
CA TYR A 144 5.43 -12.44 -3.02
C TYR A 144 5.20 -12.27 -1.53
N LEU A 145 4.24 -11.42 -1.14
CA LEU A 145 4.01 -11.17 0.28
C LEU A 145 3.28 -12.32 0.95
N HIS A 146 2.36 -12.97 0.23
CA HIS A 146 1.62 -14.09 0.82
C HIS A 146 2.51 -15.32 0.99
N SER A 147 3.55 -15.46 0.16
CA SER A 147 4.49 -16.56 0.34
C SER A 147 5.32 -16.43 1.60
N LEU A 148 5.43 -15.21 2.14
CA LEU A 148 6.16 -14.96 3.38
C LEU A 148 5.24 -14.87 4.59
N ASP A 149 3.99 -15.33 4.45
CA ASP A 149 2.99 -15.28 5.53
C ASP A 149 2.77 -13.85 6.00
N LEU A 150 2.70 -12.92 5.05
CA LEU A 150 2.50 -11.50 5.34
C LEU A 150 1.21 -11.02 4.71
N ILE A 151 0.56 -10.08 5.40
CA ILE A 151 -0.67 -9.45 4.91
C ILE A 151 -0.47 -7.94 4.88
N TYR A 152 -1.08 -7.30 3.89
CA TYR A 152 -0.98 -5.85 3.73
C TYR A 152 -2.10 -5.12 4.46
N ARG A 153 -3.35 -5.50 4.18
CA ARG A 153 -4.54 -4.94 4.85
C ARG A 153 -4.72 -3.45 4.59
N ASP A 154 -4.17 -2.93 3.49
CA ASP A 154 -4.35 -1.52 3.14
C ASP A 154 -3.96 -1.27 1.69
N LEU A 155 -4.83 -1.66 0.76
CA LEU A 155 -4.60 -1.47 -0.67
C LEU A 155 -5.57 -0.39 -1.17
N LYS A 156 -5.02 0.76 -1.54
CA LYS A 156 -5.82 1.88 -2.03
C LYS A 156 -4.90 2.79 -2.83
N PRO A 157 -5.46 3.60 -3.74
CA PRO A 157 -4.61 4.51 -4.53
C PRO A 157 -3.82 5.50 -3.69
N GLU A 158 -4.26 5.80 -2.47
CA GLU A 158 -3.52 6.69 -1.59
C GLU A 158 -2.22 6.08 -1.10
N ASN A 159 -2.03 4.76 -1.26
CA ASN A 159 -0.81 4.08 -0.83
C ASN A 159 -0.07 3.46 -2.00
N LEU A 160 -0.37 3.87 -3.24
CA LEU A 160 0.30 3.37 -4.43
C LEU A 160 0.93 4.55 -5.16
N LEU A 161 2.24 4.49 -5.36
CA LEU A 161 2.99 5.55 -6.01
C LEU A 161 3.42 5.12 -7.40
N ILE A 162 3.83 6.10 -8.20
CA ILE A 162 4.27 5.87 -9.57
C ILE A 162 5.71 6.35 -9.69
N ASP A 163 6.60 5.47 -10.13
CA ASP A 163 8.02 5.82 -10.24
C ASP A 163 8.31 6.56 -11.54
N GLN A 164 9.58 6.62 -11.92
CA GLN A 164 9.99 7.31 -13.14
C GLN A 164 9.69 6.52 -14.41
N GLN A 165 9.34 5.24 -14.29
CA GLN A 165 9.01 4.40 -15.44
C GLN A 165 7.56 3.95 -15.43
N GLY A 166 6.69 4.65 -14.71
CA GLY A 166 5.28 4.33 -14.69
C GLY A 166 4.89 3.11 -13.87
N TYR A 167 5.83 2.51 -13.14
CA TYR A 167 5.53 1.34 -12.34
C TYR A 167 5.12 1.74 -10.93
N ILE A 168 4.61 0.77 -10.19
CA ILE A 168 4.00 1.01 -8.88
C ILE A 168 5.04 0.85 -7.78
N GLN A 169 4.97 1.74 -6.80
CA GLN A 169 5.80 1.67 -5.59
C GLN A 169 4.86 1.63 -4.39
N VAL A 170 4.75 0.47 -3.77
CA VAL A 170 3.81 0.27 -2.67
C VAL A 170 4.42 0.81 -1.38
N THR A 171 3.69 1.72 -0.72
CA THR A 171 4.14 2.28 0.56
C THR A 171 3.04 2.13 1.60
N ASP A 172 3.22 2.79 2.75
CA ASP A 172 2.25 2.76 3.85
C ASP A 172 2.02 1.33 4.33
N PHE A 173 3.01 0.81 5.05
CA PHE A 173 2.96 -0.52 5.64
C PHE A 173 2.53 -0.49 7.10
N GLY A 174 1.71 0.49 7.48
CA GLY A 174 1.30 0.63 8.87
C GLY A 174 0.43 -0.50 9.38
N PHE A 175 -0.22 -1.24 8.48
CA PHE A 175 -1.09 -2.34 8.87
C PHE A 175 -0.55 -3.71 8.47
N ALA A 176 0.73 -3.78 8.09
CA ALA A 176 1.33 -5.06 7.76
C ALA A 176 1.52 -5.90 9.02
N LYS A 177 1.39 -7.22 8.85
CA LYS A 177 1.47 -8.13 9.98
C LYS A 177 1.77 -9.54 9.46
N ARG A 178 2.67 -10.24 10.16
CA ARG A 178 2.99 -11.63 9.82
C ARG A 178 1.96 -12.54 10.47
N VAL A 179 1.12 -13.17 9.66
CA VAL A 179 0.02 -13.99 10.14
C VAL A 179 0.05 -15.33 9.41
N LYS A 180 0.16 -16.41 10.17
CA LYS A 180 -0.04 -17.76 9.66
C LYS A 180 -1.27 -18.31 10.37
N GLY A 181 -2.41 -18.32 9.67
CA GLY A 181 -3.65 -18.74 10.25
C GLY A 181 -4.72 -17.67 10.17
N ARG A 182 -5.02 -17.02 11.29
CA ARG A 182 -6.05 -15.98 11.33
C ARG A 182 -5.57 -14.82 12.19
N THR A 183 -6.29 -13.72 12.10
CA THR A 183 -6.02 -12.53 12.90
C THR A 183 -7.32 -11.78 13.13
N TRP A 184 -7.37 -11.01 14.21
CA TRP A 184 -8.61 -10.39 14.65
C TRP A 184 -8.48 -8.89 14.91
N LEU A 186 -9.09 -4.96 13.69
CA LEU A 186 -9.89 -4.11 12.83
C LEU A 186 -9.05 -2.97 12.27
N CYS A 187 -8.83 -2.98 10.95
CA CYS A 187 -8.01 -1.96 10.31
C CYS A 187 -8.25 -2.01 8.81
N GLY A 188 -7.99 -0.88 8.16
CA GLY A 188 -8.12 -0.75 6.72
C GLY A 188 -8.84 0.53 6.35
N THR A 189 -9.39 0.53 5.14
CA THR A 189 -10.13 1.68 4.62
C THR A 189 -11.59 1.30 4.44
N PRO A 190 -12.53 2.14 4.91
CA PRO A 190 -13.96 1.77 4.82
C PRO A 190 -14.43 1.37 3.44
N GLU A 191 -13.98 2.05 2.39
CA GLU A 191 -14.35 1.70 1.03
C GLU A 191 -13.61 0.46 0.52
N TYR A 192 -12.70 -0.11 1.31
CA TYR A 192 -11.91 -1.25 0.88
C TYR A 192 -11.93 -2.40 1.89
N LEU A 193 -12.73 -2.30 2.94
CA LEU A 193 -12.77 -3.36 3.95
C LEU A 193 -13.47 -4.60 3.40
N ALA A 194 -12.96 -5.76 3.79
CA ALA A 194 -13.57 -7.04 3.43
C ALA A 194 -14.80 -7.30 4.30
N PRO A 195 -15.72 -8.15 3.82
CA PRO A 195 -16.91 -8.43 4.65
C PRO A 195 -16.58 -9.13 5.96
N GLU A 196 -15.63 -10.08 5.94
CA GLU A 196 -15.31 -10.78 7.18
C GLU A 196 -14.61 -9.87 8.18
N ILE A 197 -13.94 -8.82 7.71
CA ILE A 197 -13.32 -7.86 8.63
C ILE A 197 -14.40 -7.10 9.38
N ILE A 198 -15.52 -6.80 8.73
CA ILE A 198 -16.61 -6.10 9.40
C ILE A 198 -17.34 -7.04 10.36
N LEU A 199 -17.44 -8.32 10.02
CA LEU A 199 -18.16 -9.29 10.82
C LEU A 199 -17.35 -9.83 11.99
N SER A 200 -16.08 -9.42 12.13
CA SER A 200 -15.20 -9.92 13.17
C SER A 200 -15.13 -11.45 13.14
N LYS A 201 -14.72 -11.97 11.98
CA LYS A 201 -14.78 -13.40 11.69
C LYS A 201 -13.41 -14.05 11.65
N GLY A 202 -12.36 -13.33 12.03
CA GLY A 202 -11.02 -13.88 11.99
C GLY A 202 -10.56 -14.19 10.57
N TYR A 203 -9.98 -13.19 9.92
CA TYR A 203 -9.63 -13.27 8.51
C TYR A 203 -8.18 -13.70 8.31
N ASN A 204 -7.88 -14.13 7.09
CA ASN A 204 -6.53 -14.54 6.73
C ASN A 204 -6.00 -13.68 5.59
N LYS A 205 -5.19 -14.25 4.70
CA LYS A 205 -4.62 -13.53 3.58
C LYS A 205 -5.62 -13.28 2.46
N ALA A 206 -6.85 -13.76 2.59
CA ALA A 206 -7.86 -13.57 1.55
C ALA A 206 -8.42 -12.16 1.51
N VAL A 207 -8.14 -11.33 2.51
CA VAL A 207 -8.66 -9.97 2.51
C VAL A 207 -7.89 -9.08 1.54
N ASP A 208 -6.64 -9.42 1.26
CA ASP A 208 -5.88 -8.65 0.27
C ASP A 208 -6.44 -8.86 -1.13
N TRP A 209 -6.98 -10.05 -1.42
CA TRP A 209 -7.58 -10.29 -2.72
C TRP A 209 -8.92 -9.57 -2.86
N TRP A 210 -9.63 -9.38 -1.75
CA TRP A 210 -10.86 -8.59 -1.79
C TRP A 210 -10.57 -7.14 -2.16
N ALA A 211 -9.56 -6.55 -1.51
CA ALA A 211 -9.17 -5.18 -1.82
C ALA A 211 -8.64 -5.05 -3.25
N LEU A 212 -8.14 -6.14 -3.83
CA LEU A 212 -7.71 -6.10 -5.23
C LEU A 212 -8.89 -5.90 -6.16
N GLY A 213 -10.02 -6.54 -5.87
CA GLY A 213 -11.20 -6.36 -6.69
C GLY A 213 -11.78 -4.96 -6.57
N VAL A 214 -11.73 -4.38 -5.37
CA VAL A 214 -12.20 -3.00 -5.20
C VAL A 214 -11.26 -2.03 -5.90
N LEU A 215 -9.97 -2.35 -5.93
CA LEU A 215 -9.00 -1.46 -6.59
C LEU A 215 -9.22 -1.45 -8.10
N ILE A 216 -9.41 -2.63 -8.70
CA ILE A 216 -9.60 -2.71 -10.14
C ILE A 216 -10.92 -2.05 -10.54
N TYR A 217 -11.95 -2.19 -9.70
CA TYR A 217 -13.24 -1.57 -10.01
C TYR A 217 -13.13 -0.05 -9.98
N GLU A 218 -12.35 0.51 -9.05
CA GLU A 218 -12.22 1.96 -8.96
C GLU A 218 -11.35 2.51 -10.09
N MET A 219 -10.40 1.72 -10.59
CA MET A 219 -9.55 2.19 -11.67
C MET A 219 -10.28 2.16 -13.01
N ALA A 220 -11.12 1.14 -13.24
CA ALA A 220 -11.79 0.98 -14.52
C ALA A 220 -13.08 1.79 -14.62
N ALA A 221 -13.66 2.19 -13.49
CA ALA A 221 -14.90 2.96 -13.48
C ALA A 221 -14.69 4.41 -13.05
N GLY A 222 -14.02 4.64 -11.93
CA GLY A 222 -13.81 5.98 -11.44
C GLY A 222 -14.44 6.20 -10.08
N TYR A 223 -14.92 5.12 -9.47
CA TYR A 223 -15.54 5.15 -8.16
C TYR A 223 -15.61 3.74 -7.58
N PRO A 224 -15.56 3.58 -6.26
CA PRO A 224 -15.71 2.25 -5.67
C PRO A 224 -17.15 1.77 -5.79
N PRO A 225 -17.36 0.46 -5.76
CA PRO A 225 -18.74 -0.05 -5.89
C PRO A 225 -19.58 0.22 -4.66
N PHE A 226 -18.96 0.33 -3.48
CA PHE A 226 -19.65 0.63 -2.24
C PHE A 226 -19.13 1.95 -1.70
N PHE A 227 -19.95 2.99 -1.75
CA PHE A 227 -19.57 4.28 -1.20
C PHE A 227 -20.82 5.10 -0.96
N ALA A 228 -20.78 5.92 0.09
CA ALA A 228 -21.86 6.82 0.44
C ALA A 228 -21.31 7.87 1.40
N ASP A 229 -22.20 8.58 2.08
CA ASP A 229 -21.76 9.61 3.04
C ASP A 229 -21.23 8.97 4.31
N GLN A 230 -22.11 8.37 5.10
CA GLN A 230 -21.71 7.76 6.36
C GLN A 230 -21.05 6.40 6.10
N PRO A 231 -20.07 6.01 6.92
CA PRO A 231 -19.45 4.69 6.76
C PRO A 231 -20.40 3.53 7.02
N ILE A 232 -21.45 3.74 7.81
CA ILE A 232 -22.41 2.67 8.05
C ILE A 232 -23.15 2.32 6.77
N GLN A 233 -23.38 3.30 5.89
CA GLN A 233 -24.03 3.03 4.62
C GLN A 233 -23.13 2.19 3.71
N ILE A 234 -21.81 2.39 3.78
CA ILE A 234 -20.90 1.62 2.95
C ILE A 234 -20.83 0.17 3.43
N TYR A 235 -20.93 -0.04 4.75
CA TYR A 235 -20.89 -1.40 5.27
C TYR A 235 -22.12 -2.20 4.87
N GLU A 236 -23.26 -1.52 4.69
CA GLU A 236 -24.46 -2.23 4.25
C GLU A 236 -24.32 -2.76 2.83
N LYS A 237 -23.46 -2.14 2.02
CA LYS A 237 -23.22 -2.61 0.66
C LYS A 237 -22.14 -3.68 0.59
N ILE A 238 -21.15 -3.62 1.49
CA ILE A 238 -20.07 -4.61 1.46
C ILE A 238 -20.57 -5.98 1.88
N VAL A 239 -21.25 -6.05 3.03
CA VAL A 239 -21.75 -7.32 3.53
C VAL A 239 -22.92 -7.83 2.72
N SER A 240 -23.55 -6.97 1.92
CA SER A 240 -24.71 -7.39 1.12
C SER A 240 -24.29 -8.43 0.08
N GLY A 241 -23.23 -8.16 -0.67
CA GLY A 241 -22.76 -9.07 -1.69
C GLY A 241 -23.22 -8.76 -3.09
N LYS A 242 -24.05 -7.73 -3.27
CA LYS A 242 -24.54 -7.33 -4.59
C LYS A 242 -23.71 -6.17 -5.10
N VAL A 243 -23.26 -6.26 -6.35
CA VAL A 243 -22.42 -5.26 -6.97
C VAL A 243 -23.09 -4.78 -8.26
N ARG A 244 -23.09 -3.46 -8.45
CA ARG A 244 -23.65 -2.84 -9.65
C ARG A 244 -22.48 -2.39 -10.53
N PHE A 245 -22.33 -3.03 -11.69
CA PHE A 245 -21.23 -2.70 -12.59
C PHE A 245 -21.66 -1.68 -13.64
N PRO A 246 -20.74 -0.82 -14.08
CA PRO A 246 -21.05 0.10 -15.17
C PRO A 246 -21.23 -0.64 -16.49
N SER A 247 -21.71 0.10 -17.48
CA SER A 247 -21.96 -0.49 -18.79
C SER A 247 -20.69 -0.58 -19.64
N HIS A 248 -19.75 0.33 -19.45
CA HIS A 248 -18.52 0.34 -20.24
C HIS A 248 -17.56 -0.78 -19.85
N PHE A 249 -17.84 -1.51 -18.78
CA PHE A 249 -16.99 -2.63 -18.41
C PHE A 249 -17.08 -3.76 -19.42
N SER A 250 -15.96 -4.40 -19.68
CA SER A 250 -15.97 -5.61 -20.48
C SER A 250 -16.48 -6.78 -19.64
N SER A 251 -17.12 -7.73 -20.32
CA SER A 251 -17.71 -8.87 -19.62
C SER A 251 -16.65 -9.73 -18.94
N ASP A 252 -15.45 -9.77 -19.50
CA ASP A 252 -14.35 -10.48 -18.83
C ASP A 252 -13.93 -9.76 -17.56
N LEU A 253 -14.01 -8.42 -17.55
CA LEU A 253 -13.73 -7.68 -16.33
C LEU A 253 -14.85 -7.86 -15.31
N LYS A 254 -16.10 -7.93 -15.78
CA LYS A 254 -17.21 -8.14 -14.87
C LYS A 254 -17.13 -9.50 -14.19
N ASP A 255 -16.79 -10.55 -14.95
CA ASP A 255 -16.72 -11.89 -14.38
C ASP A 255 -15.57 -12.00 -13.37
N LEU A 256 -14.44 -11.34 -13.66
CA LEU A 256 -13.31 -11.39 -12.72
C LEU A 256 -13.63 -10.65 -11.44
N LEU A 257 -14.38 -9.54 -11.54
CA LEU A 257 -14.76 -8.81 -10.34
C LEU A 257 -15.76 -9.59 -9.50
N ARG A 258 -16.65 -10.37 -10.13
CA ARG A 258 -17.61 -11.18 -9.37
C ARG A 258 -16.90 -12.26 -8.57
N ASN A 259 -15.83 -12.84 -9.12
CA ASN A 259 -15.10 -13.87 -8.40
C ASN A 259 -14.18 -13.28 -7.33
N LEU A 260 -13.73 -12.04 -7.51
CA LEU A 260 -12.89 -11.38 -6.52
C LEU A 260 -13.71 -10.71 -5.42
N LEU A 261 -14.84 -10.09 -5.78
CA LEU A 261 -15.72 -9.46 -4.81
C LEU A 261 -16.74 -10.43 -4.23
N GLN A 262 -16.43 -11.71 -4.20
CA GLN A 262 -17.33 -12.72 -3.64
C GLN A 262 -17.25 -12.65 -2.11
N VAL A 263 -18.34 -12.24 -1.47
CA VAL A 263 -18.38 -12.21 -0.01
C VAL A 263 -18.30 -13.60 0.59
N ASP A 264 -18.59 -14.63 -0.21
CA ASP A 264 -18.45 -16.02 0.24
C ASP A 264 -16.98 -16.43 0.11
N LEU A 265 -16.37 -16.78 1.24
CA LEU A 265 -14.97 -17.22 1.21
C LEU A 265 -14.79 -18.55 0.49
N THR A 266 -15.88 -19.28 0.25
CA THR A 266 -15.78 -20.57 -0.42
C THR A 266 -15.50 -20.40 -1.92
N LYS A 267 -15.99 -19.31 -2.52
CA LYS A 267 -15.86 -19.10 -3.96
C LYS A 267 -15.07 -17.85 -4.30
N ARG A 268 -14.32 -17.31 -3.35
CA ARG A 268 -13.51 -16.12 -3.61
C ARG A 268 -12.17 -16.51 -4.20
N PHE A 269 -11.73 -15.74 -5.20
CA PHE A 269 -10.44 -15.98 -5.83
C PHE A 269 -9.30 -15.66 -4.87
N GLY A 270 -8.13 -16.19 -5.20
CA GLY A 270 -6.96 -16.02 -4.36
C GLY A 270 -6.89 -16.94 -3.15
N ASN A 271 -8.03 -17.42 -2.66
CA ASN A 271 -8.06 -18.34 -1.52
C ASN A 271 -8.75 -19.64 -1.91
N LEU A 272 -8.22 -20.32 -2.92
CA LEU A 272 -8.79 -21.58 -3.37
C LEU A 272 -7.72 -22.67 -3.45
N LYS A 273 -7.88 -23.60 -4.39
CA LYS A 273 -6.90 -24.67 -4.55
C LYS A 273 -5.64 -24.14 -5.22
N ASN A 274 -5.77 -23.57 -6.42
CA ASN A 274 -4.62 -23.01 -7.12
C ASN A 274 -4.19 -21.67 -6.55
N GLY A 275 -5.07 -20.97 -5.83
CA GLY A 275 -4.72 -19.71 -5.21
C GLY A 275 -4.50 -18.58 -6.21
N VAL A 276 -3.26 -18.11 -6.31
CA VAL A 276 -2.96 -17.00 -7.21
C VAL A 276 -2.94 -17.46 -8.66
N ASN A 277 -2.84 -18.76 -8.92
CA ASN A 277 -2.81 -19.25 -10.29
C ASN A 277 -4.15 -19.00 -11.00
N ASP A 278 -5.24 -18.92 -10.25
CA ASP A 278 -6.54 -18.64 -10.85
C ASP A 278 -6.59 -17.22 -11.41
N ILE A 279 -5.86 -16.28 -10.80
CA ILE A 279 -5.91 -14.90 -11.24
C ILE A 279 -5.03 -14.67 -12.45
N LYS A 280 -3.93 -15.42 -12.57
CA LYS A 280 -3.02 -15.22 -13.70
C LYS A 280 -3.61 -15.78 -14.99
N ASN A 281 -4.20 -16.97 -14.92
CA ASN A 281 -4.73 -17.64 -16.11
C ASN A 281 -6.14 -17.20 -16.47
N HIS A 282 -6.63 -16.10 -15.89
CA HIS A 282 -7.97 -15.64 -16.21
C HIS A 282 -8.02 -15.08 -17.64
N LYS A 283 -9.24 -14.99 -18.17
CA LYS A 283 -9.42 -14.50 -19.53
C LYS A 283 -8.99 -13.06 -19.68
N TRP A 284 -8.99 -12.28 -18.59
CA TRP A 284 -8.52 -10.91 -18.65
C TRP A 284 -7.00 -10.85 -18.82
N PHE A 285 -6.27 -11.51 -17.92
CA PHE A 285 -4.81 -11.58 -18.01
C PHE A 285 -4.41 -12.70 -18.97
N ALA A 286 -4.77 -12.50 -20.24
CA ALA A 286 -4.47 -13.47 -21.29
C ALA A 286 -3.19 -13.12 -22.02
N THR A 287 -3.07 -11.88 -22.49
CA THR A 287 -1.87 -11.41 -23.18
C THR A 287 -0.86 -10.79 -22.23
N THR A 288 -1.08 -10.89 -20.92
CA THR A 288 -0.18 -10.28 -19.95
C THR A 288 1.10 -11.08 -19.84
N ASP A 289 2.23 -10.41 -20.04
CA ASP A 289 3.56 -11.02 -19.87
C ASP A 289 3.96 -10.85 -18.41
N TRP A 290 3.72 -11.88 -17.60
CA TRP A 290 3.97 -11.78 -16.17
C TRP A 290 5.45 -11.65 -15.84
N ILE A 291 6.31 -12.30 -16.63
CA ILE A 291 7.74 -12.22 -16.36
C ILE A 291 8.28 -10.84 -16.71
N ALA A 292 7.86 -10.30 -17.87
CA ALA A 292 8.33 -8.98 -18.28
C ALA A 292 7.82 -7.88 -17.37
N ILE A 293 6.67 -8.09 -16.72
CA ILE A 293 6.18 -7.12 -15.75
C ILE A 293 7.09 -7.10 -14.52
N TYR A 294 7.48 -8.29 -14.04
CA TYR A 294 8.41 -8.37 -12.92
C TYR A 294 9.78 -7.82 -13.31
N GLN A 295 10.19 -8.00 -14.56
CA GLN A 295 11.45 -7.47 -15.05
C GLN A 295 11.36 -6.02 -15.48
N ARG A 296 10.19 -5.40 -15.37
CA ARG A 296 9.98 -4.00 -15.74
C ARG A 296 10.33 -3.75 -17.21
N LYS A 297 10.08 -4.73 -18.08
CA LYS A 297 10.37 -4.59 -19.50
C LYS A 297 9.17 -4.13 -20.32
N VAL A 298 7.95 -4.30 -19.80
CA VAL A 298 6.76 -3.87 -20.53
C VAL A 298 6.73 -2.34 -20.56
N GLU A 299 6.43 -1.78 -21.73
CA GLU A 299 6.37 -0.34 -21.87
C GLU A 299 5.24 0.23 -21.02
N ALA A 300 5.51 1.39 -20.42
CA ALA A 300 4.52 2.02 -19.56
C ALA A 300 3.54 2.84 -20.39
N PRO A 301 2.22 2.69 -20.17
CA PRO A 301 1.27 3.50 -20.93
C PRO A 301 1.26 4.97 -20.53
N PHE A 302 1.59 5.28 -19.28
CA PHE A 302 1.64 6.65 -18.81
C PHE A 302 2.81 6.81 -17.85
N ILE A 303 3.66 7.80 -18.13
CA ILE A 303 4.80 8.14 -17.29
C ILE A 303 4.60 9.57 -16.82
N PRO A 304 4.60 9.83 -15.51
CA PRO A 304 4.36 11.20 -15.02
C PRO A 304 5.50 12.14 -15.40
N LYS A 305 5.21 13.43 -15.31
CA LYS A 305 6.17 14.46 -15.65
C LYS A 305 7.13 14.69 -14.49
N PHE A 306 8.42 14.80 -14.81
CA PHE A 306 9.45 15.00 -13.81
C PHE A 306 10.31 16.21 -14.18
N LYS A 307 10.60 17.04 -13.19
CA LYS A 307 11.57 18.13 -13.32
C LYS A 307 12.89 17.79 -12.63
N GLY A 308 13.26 16.51 -12.61
CA GLY A 308 14.43 16.07 -11.89
C GLY A 308 14.09 15.60 -10.49
N PRO A 309 15.08 15.06 -9.78
CA PRO A 309 14.83 14.61 -8.41
C PRO A 309 14.55 15.78 -7.48
N GLY A 310 13.53 15.63 -6.65
CA GLY A 310 13.10 16.69 -5.76
C GLY A 310 12.00 17.57 -6.30
N ASP A 311 11.21 17.07 -7.24
CA ASP A 311 10.11 17.83 -7.84
C ASP A 311 8.80 17.38 -7.21
N THR A 312 8.20 18.27 -6.42
CA THR A 312 6.92 17.98 -5.75
C THR A 312 5.72 18.42 -6.57
N SER A 313 5.83 18.41 -7.90
CA SER A 313 4.71 18.85 -8.73
C SER A 313 3.58 17.83 -8.73
N ASN A 314 3.90 16.53 -8.65
CA ASN A 314 2.91 15.48 -8.65
C ASN A 314 2.31 15.22 -7.26
N PHE A 315 2.51 16.13 -6.32
CA PHE A 315 1.96 16.01 -4.98
C PHE A 315 1.17 17.26 -4.64
N ASP A 316 0.02 17.07 -4.00
CA ASP A 316 -0.82 18.20 -3.62
C ASP A 316 -0.13 19.04 -2.55
N ASP A 317 -0.56 20.30 -2.47
CA ASP A 317 0.02 21.23 -1.50
C ASP A 317 -0.64 21.07 -0.14
N TYR A 318 0.13 21.33 0.91
CA TYR A 318 -0.33 21.22 2.28
C TYR A 318 0.13 22.44 3.07
N GLU A 319 -0.43 22.60 4.26
CA GLU A 319 -0.04 23.66 5.17
C GLU A 319 1.15 23.22 6.00
N GLU A 320 2.21 24.03 5.99
CA GLU A 320 3.45 23.70 6.69
C GLU A 320 3.38 24.13 8.14
N GLU A 321 3.89 23.29 9.02
CA GLU A 321 3.94 23.56 10.45
C GLU A 321 5.36 23.32 10.96
N GLU A 322 5.55 23.49 12.26
CA GLU A 322 6.84 23.29 12.89
C GLU A 322 6.97 21.87 13.42
N ILE A 323 8.13 21.27 13.18
CA ILE A 323 8.41 19.93 13.68
C ILE A 323 8.69 20.03 15.17
N ARG A 324 7.77 19.53 15.99
CA ARG A 324 7.85 19.68 17.45
C ARG A 324 8.67 18.53 18.03
N VAL A 325 9.86 18.87 18.52
CA VAL A 325 10.71 17.90 19.19
C VAL A 325 11.03 18.40 20.60
N ILE A 327 12.29 18.16 24.78
CA ILE A 327 13.59 17.93 25.40
C ILE A 327 13.54 16.68 26.26
N ASN A 328 12.33 16.20 26.55
CA ASN A 328 12.13 15.03 27.38
C ASN A 328 11.82 13.81 26.51
N GLU A 329 12.26 12.65 26.98
CA GLU A 329 12.00 11.39 26.28
C GLU A 329 10.56 10.97 26.49
N LYS A 330 9.82 10.76 25.40
CA LYS A 330 8.41 10.42 25.46
C LYS A 330 8.24 8.94 25.15
N CYS A 331 7.94 8.15 26.19
CA CYS A 331 7.70 6.71 26.05
C CYS A 331 8.91 6.01 25.43
N GLY A 332 10.05 6.12 26.09
CA GLY A 332 11.27 5.51 25.59
C GLY A 332 11.34 4.01 25.82
N LYS A 333 10.74 3.52 26.91
CA LYS A 333 10.79 2.09 27.19
C LYS A 333 9.94 1.29 26.22
N GLU A 334 8.90 1.90 25.66
CA GLU A 334 8.03 1.19 24.72
C GLU A 334 8.74 0.94 23.40
N PHE A 335 9.32 1.99 22.80
CA PHE A 335 9.97 1.89 21.50
C PHE A 335 11.44 1.56 21.72
N THR A 336 11.71 0.29 22.00
CA THR A 336 13.06 -0.23 22.14
C THR A 336 13.46 -1.15 21.01
N GLU A 337 12.56 -2.03 20.57
CA GLU A 337 12.84 -2.88 19.42
C GLU A 337 12.85 -2.09 18.11
N PHE A 338 12.29 -0.88 18.12
CA PHE A 338 12.29 -0.02 16.94
C PHE A 338 13.70 0.47 16.64
N THR B 1 -13.15 21.95 -12.02
CA THR B 1 -12.97 21.80 -10.58
C THR B 1 -13.15 20.34 -10.15
N CYS B 2 -12.44 19.97 -9.09
CA CYS B 2 -12.52 18.60 -8.57
C CYS B 2 -11.94 18.59 -7.16
N SER B 3 -12.74 18.16 -6.19
CA SER B 3 -12.31 18.09 -4.79
C SER B 3 -11.84 16.67 -4.53
N ALA B 4 -10.54 16.45 -4.72
CA ALA B 4 -9.93 15.14 -4.52
C ALA B 4 -9.69 14.94 -3.02
N ILE B 5 -10.67 14.36 -2.34
CA ILE B 5 -10.58 14.07 -0.92
C ILE B 5 -9.96 12.68 -0.75
N ARG B 6 -8.82 12.63 -0.06
CA ARG B 6 -8.15 11.36 0.18
C ARG B 6 -8.81 10.61 1.32
N ARG B 7 -8.80 9.28 1.23
CA ARG B 7 -9.40 8.43 2.25
C ARG B 7 -8.36 8.05 3.30
N ALA B 8 -8.76 8.13 4.56
CA ALA B 8 -7.91 7.76 5.68
C ALA B 8 -8.21 6.34 6.12
N SER B 9 -7.37 5.85 7.03
CA SER B 9 -7.49 4.49 7.55
C SER B 9 -8.18 4.51 8.92
N THR B 10 -9.04 3.51 9.15
CA THR B 10 -9.77 3.39 10.39
C THR B 10 -9.12 2.35 11.29
N ILE B 11 -9.01 2.67 12.58
CA ILE B 11 -8.39 1.78 13.55
C ILE B 11 -9.35 1.57 14.71
N GLU B 12 -8.85 0.93 15.78
CA GLU B 12 -9.62 0.68 17.00
C GLU B 12 -10.94 -0.02 16.72
#